data_8FHL
#
_entry.id   8FHL
#
_cell.length_a   47.091
_cell.length_b   86.359
_cell.length_c   211.581
_cell.angle_alpha   90.000
_cell.angle_beta   90.000
_cell.angle_gamma   90.000
#
_symmetry.space_group_name_H-M   'C 2 2 21'
#
loop_
_entity.id
_entity.type
_entity.pdbx_description
1 polymer 'H-2 class I histocompatibility antigen, D-D alpha chain'
2 polymer Beta-2-microglobulin
3 polymer 'Pyruvate dehydrogenase phosphatase regulatory subunit, mitochondrial'
4 non-polymer 'SODIUM ION'
5 water water
#
loop_
_entity_poly.entity_id
_entity_poly.type
_entity_poly.pdbx_seq_one_letter_code
_entity_poly.pdbx_strand_id
1 'polypeptide(L)'
;MSHSLRYFVTAVSRPGFGEPRYMEVGYVDNTEFVRFDSDAENPRYEPRARWIEQEGPEYWERETRRAKGNEQSFRVDLRT
ALRYYNQSAGGSHTLQWMAGCDVESDGRLLRGYWQFAYDGCDYIALNEDLKTWTAADMAAQITRRKWEQAGAAERDRAYL
EGECVEWLRRYLKNGNATLLRTDPPKAHVTHHRRPEGDVTLRCWALGFYPADITLTWQLNGEELTQEMELVETRPAGDGT
FQKWASVVVPLGKEQKYTCHVEHEGLPEPLTLRWGKE
;
A
2 'polypeptide(L)'
;IQKTPQIQVYSRHPPENGKPNILNCYVTQFHPPHIEIQMLKNGKKIPKVEMSDMSFSKDWSFYILAHTEFTPTETDTYAC
RVKHASMAEPKTVYWDRDM
;
B
3 'polypeptide(L)' IGPRALDVL C
#
# COMPACT_ATOMS: atom_id res chain seq x y z
N SER A 2 -10.79 -11.08 9.71
CA SER A 2 -11.60 -9.85 9.53
C SER A 2 -11.30 -9.25 8.15
N HIS A 3 -12.04 -8.21 7.75
CA HIS A 3 -11.81 -7.56 6.48
C HIS A 3 -11.92 -6.05 6.66
N SER A 4 -11.28 -5.31 5.76
CA SER A 4 -11.25 -3.86 5.89
C SER A 4 -11.76 -3.26 4.59
N LEU A 5 -12.36 -2.06 4.68
CA LEU A 5 -12.56 -1.18 3.55
C LEU A 5 -11.80 0.12 3.83
N ARG A 6 -10.96 0.57 2.89
CA ARG A 6 -10.10 1.72 3.20
C ARG A 6 -9.96 2.64 2.01
N TYR A 7 -9.98 3.96 2.29
CA TYR A 7 -9.69 4.97 1.28
C TYR A 7 -8.39 5.69 1.66
N PHE A 8 -7.52 5.85 0.65
CA PHE A 8 -6.24 6.54 0.75
C PHE A 8 -6.24 7.69 -0.22
N VAL A 9 -6.16 8.90 0.34
CA VAL A 9 -6.37 10.12 -0.40
C VAL A 9 -5.12 10.99 -0.29
N THR A 10 -4.71 11.59 -1.42
CA THR A 10 -3.57 12.48 -1.46
C THR A 10 -3.93 13.73 -2.25
N ALA A 11 -3.53 14.90 -1.74
CA ALA A 11 -3.60 16.15 -2.48
C ALA A 11 -2.18 16.72 -2.51
N VAL A 12 -1.71 17.19 -3.69
CA VAL A 12 -0.34 17.63 -3.84
C VAL A 12 -0.36 18.99 -4.51
N SER A 13 0.13 20.05 -3.82
CA SER A 13 0.25 21.38 -4.42
C SER A 13 1.41 21.36 -5.40
N ARG A 14 1.32 22.09 -6.51
CA ARG A 14 2.39 22.11 -7.49
C ARG A 14 2.64 23.57 -7.90
N PRO A 15 3.91 24.05 -7.93
CA PRO A 15 4.23 25.48 -7.98
C PRO A 15 3.11 26.39 -8.51
N PRO A 20 -3.09 21.93 -8.17
CA PRO A 20 -3.03 20.88 -7.13
C PRO A 20 -3.59 19.56 -7.65
N ARG A 21 -2.76 18.52 -7.62
CA ARG A 21 -3.23 17.20 -8.03
C ARG A 21 -3.94 16.51 -6.86
N TYR A 22 -5.04 15.81 -7.16
CA TYR A 22 -5.90 15.18 -6.17
C TYR A 22 -6.27 13.77 -6.61
N MET A 23 -6.00 12.79 -5.73
CA MET A 23 -6.17 11.37 -6.01
C MET A 23 -6.87 10.69 -4.83
N GLU A 24 -7.80 9.78 -5.13
CA GLU A 24 -8.31 8.85 -4.13
C GLU A 24 -8.10 7.43 -4.66
N VAL A 25 -7.76 6.50 -3.76
CA VAL A 25 -7.75 5.08 -4.07
C VAL A 25 -8.57 4.35 -3.01
N GLY A 26 -9.46 3.43 -3.44
CA GLY A 26 -10.17 2.58 -2.51
C GLY A 26 -9.70 1.13 -2.58
N TYR A 27 -9.70 0.45 -1.41
CA TYR A 27 -9.28 -0.93 -1.27
C TYR A 27 -10.24 -1.70 -0.37
N VAL A 28 -10.54 -2.94 -0.76
CA VAL A 28 -11.05 -3.93 0.18
C VAL A 28 -9.90 -4.89 0.49
N ASP A 29 -9.54 -4.99 1.78
CA ASP A 29 -8.30 -5.66 2.20
C ASP A 29 -7.13 -5.09 1.38
N ASN A 30 -6.37 -5.95 0.69
CA ASN A 30 -5.26 -5.49 -0.13
C ASN A 30 -5.59 -5.45 -1.62
N THR A 31 -6.88 -5.35 -1.99
CA THR A 31 -7.25 -5.24 -3.40
C THR A 31 -7.83 -3.85 -3.70
N GLU A 32 -7.18 -3.08 -4.55
CA GLU A 32 -7.69 -1.82 -5.06
C GLU A 32 -8.90 -2.06 -5.96
N PHE A 33 -9.97 -1.28 -5.79
CA PHE A 33 -11.19 -1.53 -6.54
C PHE A 33 -11.72 -0.26 -7.22
N VAL A 34 -11.28 0.93 -6.79
CA VAL A 34 -11.68 2.21 -7.35
C VAL A 34 -10.54 3.21 -7.26
N ARG A 35 -10.64 4.23 -8.09
CA ARG A 35 -9.60 5.23 -8.17
C ARG A 35 -10.21 6.51 -8.76
N PHE A 36 -9.74 7.66 -8.27
CA PHE A 36 -10.06 8.96 -8.84
C PHE A 36 -8.76 9.74 -9.00
N ASP A 37 -8.58 10.41 -10.14
CA ASP A 37 -7.39 11.20 -10.39
C ASP A 37 -7.79 12.50 -11.08
N SER A 38 -7.45 13.64 -10.46
CA SER A 38 -7.81 14.99 -10.93
C SER A 38 -7.15 15.32 -12.27
N ASP A 39 -6.00 14.69 -12.56
CA ASP A 39 -5.24 14.99 -13.77
C ASP A 39 -5.76 14.21 -14.98
N ALA A 40 -6.84 13.44 -14.82
CA ALA A 40 -7.45 12.73 -15.93
C ALA A 40 -8.18 13.74 -16.83
N GLU A 41 -8.42 13.35 -18.09
CA GLU A 41 -9.02 14.24 -19.08
C GLU A 41 -10.43 14.64 -18.64
N ASN A 42 -11.28 13.63 -18.36
CA ASN A 42 -12.58 13.89 -17.74
C ASN A 42 -12.61 13.24 -16.35
N PRO A 43 -11.94 13.83 -15.33
CA PRO A 43 -11.83 13.19 -14.02
C PRO A 43 -13.14 12.61 -13.49
N ARG A 44 -13.13 11.32 -13.15
CA ARG A 44 -14.29 10.64 -12.61
C ARG A 44 -13.79 9.44 -11.81
N TYR A 45 -14.60 8.94 -10.88
CA TYR A 45 -14.27 7.69 -10.22
C TYR A 45 -14.30 6.57 -11.25
N GLU A 46 -13.34 5.64 -11.15
CA GLU A 46 -13.18 4.56 -12.10
C GLU A 46 -12.94 3.24 -11.37
N PRO A 47 -13.43 2.13 -11.95
CA PRO A 47 -13.21 0.78 -11.41
C PRO A 47 -11.77 0.33 -11.64
N ARG A 48 -11.26 -0.42 -10.66
CA ARG A 48 -9.96 -1.06 -10.78
C ARG A 48 -10.09 -2.55 -10.51
N ALA A 49 -11.31 -3.02 -10.23
CA ALA A 49 -11.57 -4.46 -10.17
C ALA A 49 -12.85 -4.74 -10.95
N ARG A 50 -12.87 -5.91 -11.60
CA ARG A 50 -13.95 -6.34 -12.48
C ARG A 50 -15.29 -6.27 -11.72
N TRP A 51 -15.28 -6.82 -10.52
CA TRP A 51 -16.49 -7.02 -9.73
C TRP A 51 -17.23 -5.72 -9.42
N ILE A 52 -16.54 -4.57 -9.36
CA ILE A 52 -17.21 -3.30 -9.07
C ILE A 52 -17.86 -2.72 -10.34
N GLU A 53 -17.54 -3.26 -11.52
CA GLU A 53 -18.15 -2.71 -12.74
C GLU A 53 -19.65 -2.96 -12.81
N GLN A 54 -20.14 -3.94 -12.05
CA GLN A 54 -21.56 -4.27 -12.05
C GLN A 54 -22.41 -3.08 -11.58
N GLU A 55 -21.84 -2.19 -10.74
CA GLU A 55 -22.62 -1.16 -10.07
C GLU A 55 -23.27 -0.24 -11.11
N GLY A 56 -24.41 0.34 -10.71
CA GLY A 56 -25.22 1.20 -11.56
C GLY A 56 -24.57 2.56 -11.77
N PRO A 57 -25.10 3.37 -12.74
CA PRO A 57 -24.62 4.74 -12.95
C PRO A 57 -24.63 5.61 -11.68
N GLU A 58 -25.60 5.41 -10.79
CA GLU A 58 -25.78 6.23 -9.60
C GLU A 58 -24.60 6.07 -8.64
N TYR A 59 -23.95 4.90 -8.67
CA TYR A 59 -22.80 4.63 -7.81
C TYR A 59 -21.66 5.54 -8.22
N TRP A 60 -21.37 5.54 -9.52
CA TRP A 60 -20.25 6.27 -10.09
C TRP A 60 -20.44 7.79 -9.91
N GLU A 61 -21.66 8.27 -10.15
CA GLU A 61 -21.93 9.70 -10.08
C GLU A 61 -21.91 10.19 -8.63
N ARG A 62 -22.40 9.39 -7.68
CA ARG A 62 -22.32 9.77 -6.28
C ARG A 62 -20.85 9.81 -5.84
N GLU A 63 -20.05 8.85 -6.31
CA GLU A 63 -18.65 8.72 -5.93
C GLU A 63 -17.84 9.86 -6.56
N THR A 64 -18.08 10.14 -7.84
CA THR A 64 -17.44 11.24 -8.54
C THR A 64 -17.71 12.57 -7.81
N ARG A 65 -18.95 12.77 -7.38
CA ARG A 65 -19.35 14.04 -6.80
C ARG A 65 -18.72 14.18 -5.41
N ARG A 66 -18.70 13.10 -4.64
CA ARG A 66 -18.00 13.09 -3.35
C ARG A 66 -16.50 13.38 -3.56
N ALA A 67 -15.87 12.74 -4.52
CA ALA A 67 -14.46 13.01 -4.78
C ALA A 67 -14.23 14.49 -5.07
N LYS A 68 -15.11 15.11 -5.89
CA LYS A 68 -14.95 16.49 -6.35
C LYS A 68 -15.12 17.49 -5.22
N GLY A 69 -16.10 17.24 -4.33
CA GLY A 69 -16.20 17.96 -3.07
C GLY A 69 -14.96 17.80 -2.20
N ASN A 70 -14.44 16.58 -2.08
CA ASN A 70 -13.23 16.30 -1.29
C ASN A 70 -12.04 17.11 -1.83
N GLU A 71 -11.92 17.14 -3.15
CA GLU A 71 -10.88 17.89 -3.83
C GLU A 71 -10.91 19.36 -3.40
N GLN A 72 -12.11 19.96 -3.39
CA GLN A 72 -12.26 21.35 -3.00
C GLN A 72 -11.92 21.51 -1.51
N SER A 73 -12.42 20.59 -0.65
CA SER A 73 -12.04 20.68 0.75
C SER A 73 -10.51 20.62 0.94
N PHE A 74 -9.81 19.80 0.13
CA PHE A 74 -8.37 19.57 0.30
C PHE A 74 -7.54 20.74 -0.21
N ARG A 75 -8.07 21.45 -1.20
CA ARG A 75 -7.46 22.71 -1.64
C ARG A 75 -7.45 23.76 -0.53
N VAL A 76 -8.55 23.86 0.23
CA VAL A 76 -8.63 24.77 1.37
C VAL A 76 -7.66 24.28 2.46
N ASP A 77 -7.73 22.98 2.76
CA ASP A 77 -6.81 22.35 3.72
C ASP A 77 -5.36 22.72 3.44
N LEU A 78 -4.87 22.46 2.21
CA LEU A 78 -3.52 22.80 1.79
C LEU A 78 -3.20 24.26 2.07
N ARG A 79 -4.13 25.15 1.72
CA ARG A 79 -3.91 26.58 1.86
C ARG A 79 -3.81 26.96 3.34
N THR A 80 -4.71 26.40 4.14
CA THR A 80 -4.71 26.64 5.57
C THR A 80 -3.43 26.10 6.23
N ALA A 81 -2.97 24.93 5.81
CA ALA A 81 -1.83 24.31 6.45
C ALA A 81 -0.59 25.18 6.22
N LEU A 82 -0.50 25.78 5.02
CA LEU A 82 0.55 26.71 4.68
C LEU A 82 0.61 27.83 5.72
N ARG A 83 -0.55 28.41 6.04
CA ARG A 83 -0.63 29.48 7.04
C ARG A 83 -0.24 28.99 8.43
N TYR A 84 -0.83 27.86 8.90
CA TYR A 84 -0.54 27.38 10.25
C TYR A 84 0.98 27.19 10.44
N TYR A 85 1.69 26.73 9.40
CA TYR A 85 3.10 26.40 9.50
C TYR A 85 4.03 27.47 8.95
N ASN A 86 3.47 28.63 8.56
CA ASN A 86 4.27 29.77 8.14
C ASN A 86 5.14 29.48 6.92
N GLN A 87 4.58 28.85 5.90
CA GLN A 87 5.33 28.49 4.71
C GLN A 87 4.93 29.37 3.53
N SER A 88 5.76 29.30 2.47
CA SER A 88 5.56 30.05 1.25
C SER A 88 4.58 29.32 0.34
N GLY A 91 6.51 26.48 -3.04
CA GLY A 91 6.91 25.05 -2.94
C GLY A 91 5.72 24.10 -3.04
N SER A 92 5.99 22.79 -3.09
CA SER A 92 4.93 21.80 -3.12
C SER A 92 4.73 21.19 -1.73
N HIS A 93 3.50 20.76 -1.47
CA HIS A 93 3.12 20.22 -0.17
C HIS A 93 2.12 19.11 -0.41
N THR A 94 2.07 18.14 0.50
CA THR A 94 1.14 17.03 0.35
C THR A 94 0.30 16.98 1.60
N LEU A 95 -0.97 16.64 1.41
CA LEU A 95 -1.82 16.27 2.52
C LEU A 95 -2.30 14.86 2.19
N GLN A 96 -2.17 13.96 3.15
CA GLN A 96 -2.65 12.60 2.98
C GLN A 96 -3.75 12.32 3.99
N TRP A 97 -4.69 11.46 3.60
CA TRP A 97 -5.79 11.12 4.47
C TRP A 97 -6.06 9.64 4.31
N MET A 98 -6.30 8.96 5.43
CA MET A 98 -6.77 7.59 5.32
C MET A 98 -8.00 7.45 6.20
N ALA A 99 -9.05 6.80 5.65
CA ALA A 99 -10.30 6.52 6.36
C ALA A 99 -10.66 5.08 6.03
N GLY A 100 -10.98 4.31 7.06
CA GLY A 100 -11.10 2.88 6.91
C GLY A 100 -11.85 2.26 8.07
N CYS A 101 -12.57 1.16 7.76
CA CYS A 101 -13.18 0.33 8.80
C CYS A 101 -12.62 -1.09 8.71
N ASP A 102 -12.37 -1.69 9.87
CA ASP A 102 -11.94 -3.08 10.01
C ASP A 102 -13.05 -3.83 10.73
N VAL A 103 -13.64 -4.83 10.07
CA VAL A 103 -14.84 -5.46 10.59
C VAL A 103 -14.60 -6.97 10.73
N GLU A 104 -14.92 -7.52 11.92
CA GLU A 104 -14.97 -8.96 12.11
C GLU A 104 -16.30 -9.49 11.56
N SER A 105 -16.52 -10.80 11.73
CA SER A 105 -17.72 -11.43 11.17
C SER A 105 -18.74 -11.71 12.28
N GLY A 107 -19.98 -8.30 11.81
CA GLY A 107 -20.61 -6.96 11.70
C GLY A 107 -20.04 -5.95 12.69
N ARG A 108 -19.41 -6.43 13.77
CA ARG A 108 -18.80 -5.55 14.76
C ARG A 108 -17.57 -4.88 14.15
N LEU A 109 -17.48 -3.56 14.34
CA LEU A 109 -16.32 -2.81 13.89
C LEU A 109 -15.14 -3.06 14.82
N LEU A 110 -14.15 -3.81 14.33
CA LEU A 110 -12.92 -4.05 15.07
C LEU A 110 -12.20 -2.73 15.32
N ARG A 111 -12.01 -1.91 14.27
CA ARG A 111 -11.26 -0.67 14.42
C ARG A 111 -11.61 0.31 13.30
N GLY A 112 -11.71 1.58 13.66
CA GLY A 112 -11.98 2.63 12.68
C GLY A 112 -10.84 3.63 12.63
N TYR A 113 -10.54 4.10 11.43
CA TYR A 113 -9.45 5.05 11.19
C TYR A 113 -9.96 6.25 10.42
N TRP A 114 -9.53 7.45 10.81
CA TRP A 114 -9.77 8.69 10.08
C TRP A 114 -8.64 9.64 10.45
N GLN A 115 -7.61 9.73 9.59
CA GLN A 115 -6.39 10.36 10.06
C GLN A 115 -5.67 11.04 8.89
N PHE A 116 -4.85 12.06 9.21
CA PHE A 116 -4.23 12.89 8.20
C PHE A 116 -2.74 13.07 8.48
N ALA A 117 -1.99 13.33 7.40
CA ALA A 117 -0.60 13.71 7.53
C ALA A 117 -0.33 14.90 6.62
N TYR A 118 0.58 15.80 7.05
CA TYR A 118 1.00 16.92 6.22
C TYR A 118 2.50 16.77 5.94
N ASP A 119 2.89 16.91 4.66
CA ASP A 119 4.27 16.74 4.22
C ASP A 119 4.86 15.42 4.74
N GLY A 120 4.03 14.37 4.85
CA GLY A 120 4.55 13.05 5.22
C GLY A 120 4.52 12.82 6.73
N CYS A 121 4.07 13.81 7.51
CA CYS A 121 4.16 13.73 8.96
C CYS A 121 2.77 13.71 9.59
N ASP A 122 2.60 12.94 10.66
CA ASP A 122 1.34 12.90 11.39
C ASP A 122 0.83 14.32 11.58
N TYR A 123 -0.46 14.52 11.36
CA TYR A 123 -1.10 15.80 11.63
C TYR A 123 -2.17 15.58 12.68
N ILE A 124 -3.22 14.82 12.33
CA ILE A 124 -4.32 14.58 13.27
C ILE A 124 -4.91 13.20 13.01
N ALA A 125 -5.42 12.55 14.08
CA ALA A 125 -5.95 11.19 13.99
C ALA A 125 -7.13 11.02 14.93
N LEU A 126 -8.21 10.37 14.44
CA LEU A 126 -9.31 9.99 15.32
C LEU A 126 -8.84 8.81 16.19
N ASN A 127 -9.03 8.96 17.50
CA ASN A 127 -8.63 7.94 18.46
C ASN A 127 -9.58 6.75 18.33
N GLU A 128 -9.15 5.63 18.95
CA GLU A 128 -9.80 4.32 18.84
C GLU A 128 -11.22 4.38 19.38
N ASP A 129 -11.46 5.34 20.30
CA ASP A 129 -12.78 5.56 20.87
C ASP A 129 -13.73 6.16 19.83
N LEU A 130 -13.17 6.70 18.73
CA LEU A 130 -13.97 7.30 17.66
C LEU A 130 -14.76 8.49 18.19
N LYS A 131 -14.17 9.20 19.16
CA LYS A 131 -14.85 10.31 19.81
C LYS A 131 -13.88 11.47 20.05
N THR A 132 -12.57 11.18 20.09
CA THR A 132 -11.58 12.20 20.40
C THR A 132 -10.48 12.16 19.36
N TRP A 133 -9.77 13.29 19.24
CA TRP A 133 -8.69 13.49 18.27
C TRP A 133 -7.34 13.56 18.97
N THR A 134 -6.34 12.95 18.33
CA THR A 134 -4.95 13.18 18.67
C THR A 134 -4.32 14.09 17.62
N ALA A 135 -3.83 15.24 18.08
CA ALA A 135 -3.12 16.20 17.25
C ALA A 135 -1.62 16.07 17.47
N ALA A 136 -0.84 16.18 16.37
CA ALA A 136 0.60 15.92 16.41
C ALA A 136 1.37 17.13 16.96
N ASP A 137 0.86 18.36 16.78
CA ASP A 137 1.55 19.59 17.17
C ASP A 137 0.52 20.72 17.41
N MET A 138 1.00 21.96 17.57
CA MET A 138 0.19 23.09 17.97
C MET A 138 -0.63 23.63 16.80
N ALA A 139 -0.13 23.46 15.56
CA ALA A 139 -0.95 23.68 14.37
C ALA A 139 -2.14 22.73 14.33
N ALA A 140 -1.90 21.44 14.57
CA ALA A 140 -2.99 20.47 14.52
C ALA A 140 -3.97 20.64 15.68
N GLN A 141 -3.54 21.29 16.79
CA GLN A 141 -4.41 21.59 17.91
C GLN A 141 -5.46 22.64 17.53
N ILE A 142 -5.15 23.51 16.55
CA ILE A 142 -6.11 24.48 16.03
C ILE A 142 -7.23 23.73 15.29
N THR A 143 -6.86 22.73 14.45
CA THR A 143 -7.86 21.93 13.77
C THR A 143 -8.71 21.14 14.78
N ARG A 144 -8.06 20.57 15.79
CA ARG A 144 -8.71 19.70 16.74
C ARG A 144 -9.78 20.47 17.51
N ARG A 145 -9.51 21.74 17.83
CA ARG A 145 -10.47 22.55 18.56
C ARG A 145 -11.67 22.85 17.67
N LYS A 146 -11.41 23.25 16.41
CA LYS A 146 -12.49 23.55 15.49
C LYS A 146 -13.33 22.30 15.26
N TRP A 147 -12.68 21.12 15.15
CA TRP A 147 -13.44 19.92 14.85
C TRP A 147 -14.21 19.48 16.07
N GLU A 148 -13.66 19.73 17.27
CA GLU A 148 -14.41 19.49 18.51
C GLU A 148 -15.70 20.32 18.47
N GLN A 149 -15.59 21.61 18.13
CA GLN A 149 -16.72 22.53 18.11
C GLN A 149 -17.75 22.11 17.04
N ALA A 150 -17.29 21.56 15.91
CA ALA A 150 -18.19 21.19 14.82
C ALA A 150 -18.81 19.81 14.98
N GLY A 151 -18.45 19.05 16.02
CA GLY A 151 -18.90 17.66 16.18
C GLY A 151 -18.42 16.76 15.04
N ALA A 152 -17.23 17.02 14.48
CA ALA A 152 -16.71 16.24 13.36
C ALA A 152 -16.64 14.74 13.67
N ALA A 153 -16.24 14.41 14.93
CA ALA A 153 -15.97 13.04 15.35
C ALA A 153 -17.23 12.19 15.26
N GLU A 154 -18.37 12.75 15.68
CA GLU A 154 -19.66 12.08 15.62
C GLU A 154 -20.03 11.73 14.18
N ARG A 155 -19.86 12.67 13.23
CA ARG A 155 -20.19 12.38 11.82
C ARG A 155 -19.19 11.40 11.21
N ASP A 156 -17.90 11.54 11.54
CA ASP A 156 -16.87 10.60 11.08
C ASP A 156 -17.13 9.19 11.63
N ARG A 157 -17.48 9.08 12.92
CA ARG A 157 -17.87 7.82 13.53
C ARG A 157 -19.08 7.21 12.81
N ALA A 158 -20.10 8.03 12.50
CA ALA A 158 -21.30 7.50 11.89
C ALA A 158 -20.99 6.88 10.51
N TYR A 159 -20.09 7.52 9.75
CA TYR A 159 -19.58 6.92 8.52
C TYR A 159 -18.93 5.57 8.81
N LEU A 160 -18.03 5.51 9.80
CA LEU A 160 -17.16 4.34 10.02
C LEU A 160 -17.98 3.13 10.50
N GLU A 161 -18.98 3.39 11.35
CA GLU A 161 -19.83 2.36 11.94
C GLU A 161 -21.04 2.06 11.05
N GLY A 162 -21.46 3.01 10.21
CA GLY A 162 -22.63 2.86 9.37
C GLY A 162 -22.26 2.48 7.94
N GLU A 163 -22.08 3.49 7.08
CA GLU A 163 -21.90 3.32 5.64
C GLU A 163 -20.69 2.42 5.30
N CYS A 164 -19.59 2.58 6.01
CA CYS A 164 -18.38 1.84 5.69
C CYS A 164 -18.60 0.35 5.93
N VAL A 165 -19.23 0.00 7.06
CA VAL A 165 -19.54 -1.38 7.36
C VAL A 165 -20.51 -1.95 6.32
N GLU A 166 -21.55 -1.20 5.96
CA GLU A 166 -22.61 -1.73 5.10
C GLU A 166 -22.04 -1.90 3.68
N TRP A 167 -21.22 -0.97 3.21
CA TRP A 167 -20.63 -1.09 1.89
C TRP A 167 -19.58 -2.21 1.79
N LEU A 168 -18.73 -2.38 2.82
CA LEU A 168 -17.80 -3.50 2.85
C LEU A 168 -18.55 -4.83 2.63
N ARG A 169 -19.65 -5.02 3.36
CA ARG A 169 -20.50 -6.21 3.27
C ARG A 169 -21.01 -6.42 1.84
N ARG A 170 -21.40 -5.34 1.15
CA ARG A 170 -21.84 -5.47 -0.24
C ARG A 170 -20.67 -5.78 -1.18
N TYR A 171 -19.53 -5.14 -0.95
CA TYR A 171 -18.37 -5.44 -1.79
C TYR A 171 -17.97 -6.90 -1.67
N LEU A 172 -18.02 -7.45 -0.43
CA LEU A 172 -17.56 -8.81 -0.18
C LEU A 172 -18.49 -9.79 -0.89
N LYS A 173 -19.79 -9.45 -0.96
CA LYS A 173 -20.74 -10.26 -1.73
C LYS A 173 -20.45 -10.15 -3.23
N ASN A 174 -20.38 -8.93 -3.77
CA ASN A 174 -20.08 -8.67 -5.17
C ASN A 174 -18.79 -9.37 -5.61
N GLY A 175 -17.72 -9.23 -4.82
CA GLY A 175 -16.43 -9.72 -5.27
C GLY A 175 -16.02 -11.03 -4.60
N ASN A 176 -17.00 -11.77 -4.08
CA ASN A 176 -16.73 -12.94 -3.24
C ASN A 176 -15.69 -13.88 -3.88
N ALA A 177 -15.84 -14.11 -5.20
CA ALA A 177 -14.97 -14.99 -5.95
C ALA A 177 -13.48 -14.65 -5.76
N THR A 178 -13.17 -13.35 -5.60
CA THR A 178 -11.78 -12.91 -5.56
C THR A 178 -11.37 -12.45 -4.16
N LEU A 179 -12.29 -11.85 -3.41
CA LEU A 179 -12.00 -11.21 -2.15
C LEU A 179 -11.87 -12.20 -0.99
N LEU A 180 -12.50 -13.37 -1.12
CA LEU A 180 -12.52 -14.30 0.01
C LEU A 180 -11.44 -15.37 -0.16
N ARG A 181 -10.73 -15.35 -1.30
CA ARG A 181 -9.70 -16.35 -1.54
C ARG A 181 -8.55 -16.15 -0.53
N THR A 182 -7.81 -17.21 -0.24
CA THR A 182 -6.53 -17.07 0.44
C THR A 182 -5.50 -17.83 -0.39
N ASP A 183 -4.49 -17.11 -0.92
CA ASP A 183 -3.44 -17.76 -1.69
C ASP A 183 -2.28 -18.00 -0.73
N PRO A 184 -1.93 -19.27 -0.45
CA PRO A 184 -0.80 -19.60 0.43
C PRO A 184 0.54 -19.11 -0.15
N PRO A 185 1.51 -18.74 0.71
CA PRO A 185 2.85 -18.47 0.21
C PRO A 185 3.51 -19.77 -0.23
N LYS A 186 4.08 -19.78 -1.44
CA LYS A 186 5.06 -20.79 -1.84
C LYS A 186 6.42 -20.29 -1.38
N ALA A 187 7.09 -21.10 -0.57
CA ALA A 187 8.34 -20.70 0.05
C ALA A 187 9.48 -21.58 -0.45
N HIS A 188 10.68 -20.96 -0.54
CA HIS A 188 11.95 -21.64 -0.76
C HIS A 188 13.09 -20.81 -0.17
N VAL A 189 14.24 -21.48 0.01
CA VAL A 189 15.46 -20.90 0.54
C VAL A 189 16.50 -20.83 -0.58
N THR A 190 17.18 -19.69 -0.71
CA THR A 190 18.32 -19.64 -1.60
C THR A 190 19.56 -19.41 -0.76
N HIS A 191 20.71 -19.66 -1.38
CA HIS A 191 21.98 -19.75 -0.69
C HIS A 191 23.00 -18.97 -1.51
N HIS A 192 23.79 -18.12 -0.86
CA HIS A 192 24.79 -17.37 -1.61
C HIS A 192 26.05 -17.23 -0.77
N ARG A 193 27.12 -17.86 -1.21
CA ARG A 193 28.40 -17.68 -0.54
C ARG A 193 28.96 -16.30 -0.85
N ARG A 194 29.37 -15.58 0.20
CA ARG A 194 29.87 -14.22 0.03
C ARG A 194 31.37 -14.24 -0.13
N PRO A 195 31.96 -13.30 -0.90
CA PRO A 195 33.41 -13.16 -1.00
C PRO A 195 34.07 -13.03 0.37
N GLU A 196 33.34 -12.56 1.38
CA GLU A 196 33.86 -12.51 2.75
C GLU A 196 33.98 -13.92 3.33
N GLY A 197 33.40 -14.93 2.65
CA GLY A 197 33.67 -16.32 2.98
C GLY A 197 32.52 -17.04 3.68
N ASP A 198 31.66 -16.29 4.39
CA ASP A 198 30.46 -16.84 5.02
C ASP A 198 29.32 -16.90 3.99
N VAL A 199 28.09 -17.19 4.42
CA VAL A 199 26.99 -17.60 3.55
C VAL A 199 25.75 -16.74 3.84
N THR A 200 25.10 -16.24 2.79
CA THR A 200 23.78 -15.62 2.88
C THR A 200 22.75 -16.70 2.57
N LEU A 201 21.79 -16.89 3.48
CA LEU A 201 20.55 -17.64 3.26
C LEU A 201 19.41 -16.65 3.12
N ARG A 202 18.52 -16.88 2.15
CA ARG A 202 17.36 -16.04 1.99
C ARG A 202 16.11 -16.90 1.87
N CYS A 203 15.12 -16.58 2.71
CA CYS A 203 13.87 -17.29 2.71
C CYS A 203 12.83 -16.44 1.98
N TRP A 204 12.26 -17.01 0.90
CA TRP A 204 11.30 -16.39 0.02
C TRP A 204 9.89 -16.92 0.30
N ALA A 205 8.92 -16.00 0.34
CA ALA A 205 7.50 -16.31 0.29
C ALA A 205 6.92 -15.63 -0.95
N LEU A 206 6.32 -16.42 -1.85
CA LEU A 206 5.84 -15.87 -3.11
C LEU A 206 4.38 -16.22 -3.30
N GLY A 207 3.64 -15.33 -3.99
CA GLY A 207 2.35 -15.66 -4.56
C GLY A 207 1.23 -15.74 -3.51
N PHE A 208 1.37 -14.99 -2.40
CA PHE A 208 0.38 -15.10 -1.33
C PHE A 208 -0.57 -13.89 -1.30
N TYR A 209 -1.76 -14.13 -0.75
CA TYR A 209 -2.82 -13.15 -0.56
C TYR A 209 -3.70 -13.65 0.59
N PRO A 210 -4.07 -12.81 1.57
CA PRO A 210 -3.66 -11.39 1.62
C PRO A 210 -2.20 -11.08 1.99
N ALA A 211 -1.88 -9.77 2.14
CA ALA A 211 -0.52 -9.29 2.28
C ALA A 211 0.11 -9.64 3.63
N ASP A 212 -0.70 -9.77 4.69
CA ASP A 212 -0.22 -10.05 6.04
C ASP A 212 0.48 -11.41 6.09
N ILE A 213 1.68 -11.42 6.67
CA ILE A 213 2.44 -12.66 6.78
C ILE A 213 3.47 -12.51 7.89
N THR A 214 3.91 -13.65 8.43
CA THR A 214 5.03 -13.73 9.35
C THR A 214 6.11 -14.59 8.70
N LEU A 215 7.31 -14.02 8.61
CA LEU A 215 8.46 -14.69 8.03
C LEU A 215 9.66 -14.44 8.96
N THR A 216 10.20 -15.51 9.57
CA THR A 216 11.33 -15.37 10.48
C THR A 216 12.32 -16.55 10.34
N TRP A 217 13.60 -16.22 10.57
CA TRP A 217 14.66 -17.19 10.79
C TRP A 217 14.83 -17.51 12.28
N GLN A 218 15.12 -18.79 12.53
CA GLN A 218 15.45 -19.26 13.85
C GLN A 218 16.78 -20.02 13.83
N LEU A 219 17.51 -19.93 14.95
CA LEU A 219 18.62 -20.80 15.22
C LEU A 219 18.41 -21.42 16.59
N ASN A 220 18.48 -22.76 16.66
CA ASN A 220 18.39 -23.48 17.92
C ASN A 220 17.23 -22.93 18.75
N GLY A 221 16.07 -22.76 18.08
CA GLY A 221 14.80 -22.45 18.73
C GLY A 221 14.65 -20.98 19.11
N GLU A 222 15.59 -20.13 18.68
CA GLU A 222 15.63 -18.73 19.08
C GLU A 222 15.58 -17.84 17.84
N GLU A 223 14.67 -16.86 17.87
CA GLU A 223 14.44 -15.96 16.75
C GLU A 223 15.67 -15.08 16.54
N LEU A 224 15.89 -14.71 15.27
CA LEU A 224 17.04 -13.93 14.82
C LEU A 224 16.53 -12.66 14.13
N MET A 228 19.03 -10.38 11.20
CA MET A 228 18.08 -10.70 10.10
C MET A 228 17.69 -9.41 9.38
N GLU A 229 17.94 -9.35 8.08
CA GLU A 229 17.40 -8.32 7.21
C GLU A 229 16.10 -8.85 6.61
N LEU A 230 15.01 -8.09 6.77
CA LEU A 230 13.68 -8.45 6.29
C LEU A 230 13.14 -7.31 5.43
N VAL A 231 12.67 -7.61 4.21
CA VAL A 231 12.20 -6.62 3.27
C VAL A 231 10.73 -6.31 3.52
N GLU A 232 10.20 -5.35 2.76
CA GLU A 232 8.76 -5.15 2.80
C GLU A 232 7.98 -5.95 1.76
N THR A 233 6.78 -6.27 2.21
CA THR A 233 5.82 -6.95 1.37
C THR A 233 5.70 -6.05 0.15
N ARG A 234 5.98 -6.66 -0.99
CA ARG A 234 5.96 -6.00 -2.27
C ARG A 234 4.95 -6.72 -3.17
N PRO A 235 4.25 -5.97 -4.04
CA PRO A 235 3.26 -6.57 -4.95
C PRO A 235 3.93 -7.31 -6.11
N ALA A 236 3.35 -8.44 -6.48
CA ALA A 236 3.84 -9.17 -7.63
C ALA A 236 3.23 -8.62 -8.91
N GLY A 237 2.16 -7.81 -8.79
CA GLY A 237 1.56 -7.16 -9.93
C GLY A 237 0.25 -7.82 -10.38
N ASP A 238 -0.01 -9.03 -9.87
CA ASP A 238 -1.14 -9.82 -10.33
C ASP A 238 -2.13 -10.04 -9.19
N GLY A 239 -2.04 -9.20 -8.14
CA GLY A 239 -2.91 -9.35 -6.99
C GLY A 239 -2.26 -10.06 -5.79
N THR A 240 -1.09 -10.68 -5.97
CA THR A 240 -0.44 -11.42 -4.89
C THR A 240 0.82 -10.70 -4.40
N PHE A 241 1.42 -11.21 -3.31
CA PHE A 241 2.48 -10.49 -2.63
C PHE A 241 3.73 -11.36 -2.53
N GLN A 242 4.84 -10.68 -2.27
CA GLN A 242 6.11 -11.36 -2.06
C GLN A 242 6.80 -10.77 -0.85
N LYS A 243 7.63 -11.60 -0.22
CA LYS A 243 8.46 -11.15 0.89
C LYS A 243 9.67 -12.08 1.00
N TRP A 244 10.79 -11.53 1.49
CA TRP A 244 11.96 -12.34 1.83
C TRP A 244 12.56 -11.83 3.14
N ALA A 245 13.31 -12.74 3.78
CA ALA A 245 14.12 -12.47 4.96
C ALA A 245 15.47 -13.18 4.80
N SER A 246 16.57 -12.51 5.20
CA SER A 246 17.94 -12.98 4.96
C SER A 246 18.72 -13.07 6.27
N VAL A 247 19.64 -14.03 6.35
CA VAL A 247 20.61 -14.13 7.41
C VAL A 247 21.95 -14.45 6.78
N VAL A 248 23.01 -14.02 7.47
CA VAL A 248 24.38 -14.39 7.16
C VAL A 248 24.77 -15.41 8.21
N VAL A 249 25.29 -16.55 7.73
CA VAL A 249 25.53 -17.71 8.56
C VAL A 249 26.96 -18.16 8.27
N PRO A 250 27.64 -18.80 9.24
CA PRO A 250 28.98 -19.36 8.98
C PRO A 250 28.93 -20.46 7.93
N LEU A 251 30.02 -20.57 7.14
CA LEU A 251 30.15 -21.62 6.15
C LEU A 251 30.06 -22.97 6.86
N GLY A 252 29.29 -23.90 6.30
CA GLY A 252 29.16 -25.23 6.90
C GLY A 252 28.09 -25.32 8.00
N LYS A 253 27.43 -24.22 8.33
CA LYS A 253 26.45 -24.24 9.41
C LYS A 253 25.02 -23.98 8.92
N GLU A 254 24.76 -24.13 7.61
CA GLU A 254 23.46 -23.71 7.05
C GLU A 254 22.29 -24.49 7.65
N GLN A 255 22.54 -25.73 8.05
CA GLN A 255 21.48 -26.68 8.37
C GLN A 255 20.91 -26.37 9.75
N LYS A 256 21.64 -25.60 10.57
CA LYS A 256 21.17 -25.19 11.88
C LYS A 256 20.11 -24.10 11.79
N TYR A 257 19.88 -23.53 10.61
CA TYR A 257 18.97 -22.39 10.47
C TYR A 257 17.65 -22.86 9.84
N THR A 258 16.52 -22.43 10.41
CA THR A 258 15.22 -22.79 9.83
C THR A 258 14.38 -21.53 9.58
N CYS A 259 13.69 -21.53 8.43
CA CYS A 259 12.81 -20.40 8.13
C CYS A 259 11.38 -20.84 8.44
N HIS A 260 10.65 -19.94 9.09
CA HIS A 260 9.29 -20.15 9.56
C HIS A 260 8.37 -19.12 8.91
N VAL A 261 7.25 -19.60 8.35
CA VAL A 261 6.28 -18.79 7.65
C VAL A 261 4.90 -19.09 8.21
N GLU A 262 4.18 -18.07 8.66
CA GLU A 262 2.75 -18.25 8.92
C GLU A 262 1.93 -17.23 8.15
N HIS A 263 0.75 -17.71 7.73
CA HIS A 263 -0.16 -16.99 6.88
C HIS A 263 -1.51 -17.71 6.98
N GLU A 264 -2.59 -16.93 7.11
CA GLU A 264 -3.93 -17.45 7.35
C GLU A 264 -4.26 -18.58 6.37
N GLY A 265 -3.68 -18.53 5.16
CA GLY A 265 -4.02 -19.46 4.09
C GLY A 265 -3.39 -20.86 4.21
N LEU A 266 -2.66 -21.15 5.30
CA LEU A 266 -1.84 -22.36 5.40
C LEU A 266 -2.50 -23.39 6.31
N PRO A 267 -2.60 -24.67 5.89
CA PRO A 267 -3.05 -25.75 6.78
C PRO A 267 -2.17 -25.87 8.01
N GLU A 268 -0.89 -25.52 7.85
CA GLU A 268 0.15 -25.73 8.83
C GLU A 268 1.23 -24.66 8.64
N PRO A 269 1.79 -24.04 9.71
CA PRO A 269 2.97 -23.19 9.55
C PRO A 269 4.05 -23.93 8.76
N LEU A 270 4.77 -23.20 7.91
CA LEU A 270 5.88 -23.78 7.16
C LEU A 270 7.15 -23.64 7.99
N THR A 271 7.97 -24.69 7.93
CA THR A 271 9.32 -24.67 8.44
C THR A 271 10.26 -25.13 7.32
N LEU A 272 11.20 -24.27 6.88
CA LEU A 272 12.08 -24.55 5.75
C LEU A 272 13.53 -24.55 6.23
N ARG A 273 14.39 -25.27 5.51
CA ARG A 273 15.81 -25.28 5.82
C ARG A 273 16.59 -25.36 4.51
N TRP A 274 17.86 -24.96 4.51
CA TRP A 274 18.66 -25.16 3.30
C TRP A 274 19.12 -26.62 3.19
N PRO B 5 14.09 0.76 1.90
CA PRO B 5 14.76 0.44 0.60
C PRO B 5 13.86 0.92 -0.52
N GLN B 6 14.38 1.83 -1.35
CA GLN B 6 13.52 2.70 -2.13
C GLN B 6 13.25 2.08 -3.50
N ILE B 7 14.13 1.21 -4.00
CA ILE B 7 13.94 0.62 -5.32
C ILE B 7 14.16 -0.90 -5.28
N GLN B 8 13.15 -1.69 -5.68
CA GLN B 8 13.33 -3.12 -5.81
C GLN B 8 12.88 -3.57 -7.19
N VAL B 9 13.65 -4.48 -7.79
CA VAL B 9 13.36 -4.96 -9.14
C VAL B 9 13.36 -6.49 -9.06
N TYR B 10 12.33 -7.10 -9.64
CA TYR B 10 12.11 -8.52 -9.39
C TYR B 10 11.03 -8.99 -10.34
N SER B 11 10.91 -10.31 -10.51
CA SER B 11 9.96 -10.88 -11.45
C SER B 11 8.71 -11.32 -10.69
N ARG B 12 7.58 -11.31 -11.39
CA ARG B 12 6.28 -11.76 -10.90
C ARG B 12 6.35 -13.25 -10.57
N HIS B 13 7.03 -14.02 -11.43
CA HIS B 13 7.23 -15.45 -11.19
C HIS B 13 8.73 -15.73 -11.17
N PRO B 14 9.22 -16.80 -10.51
CA PRO B 14 10.63 -17.17 -10.64
C PRO B 14 10.94 -17.40 -12.12
N PRO B 15 12.08 -16.90 -12.64
CA PRO B 15 12.40 -17.03 -14.07
C PRO B 15 12.96 -18.39 -14.44
N GLU B 16 12.43 -18.94 -15.53
CA GLU B 16 12.95 -20.14 -16.17
C GLU B 16 12.75 -20.01 -17.68
N PRO B 20 7.70 -16.12 -20.40
CA PRO B 20 6.32 -15.77 -19.99
C PRO B 20 6.23 -15.26 -18.56
N ASN B 21 6.45 -13.95 -18.36
CA ASN B 21 6.65 -13.40 -17.03
C ASN B 21 6.49 -11.88 -17.10
N ILE B 22 6.59 -11.20 -15.95
CA ILE B 22 6.51 -9.75 -15.82
C ILE B 22 7.62 -9.30 -14.89
N LEU B 23 8.28 -8.22 -15.30
CA LEU B 23 9.28 -7.64 -14.45
C LEU B 23 8.63 -6.50 -13.67
N ASN B 24 9.00 -6.36 -12.40
CA ASN B 24 8.45 -5.29 -11.58
C ASN B 24 9.59 -4.37 -11.16
N CYS B 25 9.28 -3.08 -11.12
CA CYS B 25 10.10 -2.09 -10.46
C CYS B 25 9.22 -1.39 -9.41
N TYR B 26 9.55 -1.61 -8.13
CA TYR B 26 8.70 -1.17 -7.04
C TYR B 26 9.43 -0.06 -6.28
N VAL B 27 8.85 1.15 -6.29
CA VAL B 27 9.52 2.30 -5.70
C VAL B 27 8.72 2.82 -4.50
N THR B 28 9.41 3.05 -3.38
CA THR B 28 8.77 3.42 -2.11
C THR B 28 9.52 4.57 -1.47
N GLN B 29 8.84 5.27 -0.55
CA GLN B 29 9.41 6.29 0.33
C GLN B 29 9.78 7.58 -0.41
N PHE B 30 9.24 7.80 -1.61
CA PHE B 30 9.47 9.03 -2.36
C PHE B 30 8.50 10.12 -1.89
N HIS B 31 8.66 11.34 -2.41
CA HIS B 31 7.86 12.49 -2.02
C HIS B 31 7.33 13.20 -3.26
N PRO B 32 6.07 12.92 -3.64
CA PRO B 32 5.50 13.43 -4.89
C PRO B 32 5.36 14.94 -4.80
N PRO B 33 5.50 15.68 -5.94
CA PRO B 33 5.57 15.07 -7.28
C PRO B 33 7.00 14.81 -7.79
N ILE B 35 9.31 12.38 -8.88
CA ILE B 35 9.50 10.92 -9.14
C ILE B 35 9.34 10.66 -10.64
N GLU B 36 10.27 9.89 -11.19
CA GLU B 36 10.24 9.46 -12.57
C GLU B 36 10.89 8.07 -12.62
N ILE B 37 10.39 7.21 -13.50
CA ILE B 37 10.76 5.82 -13.47
C ILE B 37 10.81 5.33 -14.90
N GLN B 38 11.96 4.76 -15.27
CA GLN B 38 12.16 4.18 -16.58
C GLN B 38 12.68 2.76 -16.40
N MET B 39 12.11 1.82 -17.15
CA MET B 39 12.64 0.48 -17.22
C MET B 39 13.51 0.38 -18.47
N LEU B 40 14.58 -0.42 -18.37
CA LEU B 40 15.58 -0.56 -19.42
C LEU B 40 15.79 -2.05 -19.73
N LYS B 41 16.05 -2.37 -21.01
CA LYS B 41 16.47 -3.70 -21.44
C LYS B 41 17.74 -3.60 -22.28
N ASN B 42 18.78 -4.34 -21.87
CA ASN B 42 20.10 -4.28 -22.50
C ASN B 42 20.51 -2.81 -22.66
N GLY B 43 20.17 -1.97 -21.67
CA GLY B 43 20.54 -0.56 -21.68
C GLY B 43 19.58 0.33 -22.48
N LYS B 44 18.61 -0.28 -23.18
CA LYS B 44 17.68 0.47 -24.02
C LYS B 44 16.37 0.73 -23.27
N LYS B 45 15.98 2.00 -23.14
CA LYS B 45 14.68 2.35 -22.55
C LYS B 45 13.55 1.48 -23.13
N LYS B 48 6.46 0.11 -23.82
CA LYS B 48 5.24 -0.50 -23.22
C LYS B 48 5.49 -0.89 -21.74
N VAL B 49 5.60 0.15 -20.90
CA VAL B 49 5.70 -0.01 -19.46
C VAL B 49 4.39 0.49 -18.82
N GLU B 50 3.69 -0.39 -18.10
CA GLU B 50 2.49 -0.01 -17.37
C GLU B 50 2.85 0.39 -15.94
N MET B 51 2.23 1.48 -15.46
CA MET B 51 2.39 1.97 -14.10
C MET B 51 1.10 1.71 -13.31
N SER B 52 1.25 1.35 -12.03
CA SER B 52 0.16 1.22 -11.08
C SER B 52 -0.30 2.61 -10.66
N ASP B 53 -1.39 2.64 -9.90
CA ASP B 53 -1.81 3.89 -9.29
C ASP B 53 -0.85 4.16 -8.12
N MET B 54 -0.38 5.39 -8.02
CA MET B 54 0.42 5.71 -6.84
C MET B 54 -0.49 5.61 -5.60
N SER B 55 0.06 5.13 -4.49
CA SER B 55 -0.67 5.17 -3.23
C SER B 55 0.34 5.33 -2.10
N PHE B 56 -0.08 4.97 -0.89
CA PHE B 56 0.82 5.11 0.23
C PHE B 56 0.42 4.08 1.27
N SER B 57 1.35 3.79 2.17
CA SER B 57 1.15 2.81 3.22
C SER B 57 0.61 3.54 4.46
N LYS B 58 0.24 2.77 5.49
CA LYS B 58 -0.41 3.32 6.67
C LYS B 58 0.55 4.27 7.41
N ASP B 59 1.85 4.08 7.20
CA ASP B 59 2.86 4.95 7.79
C ASP B 59 3.10 6.20 6.94
N TRP B 60 2.24 6.45 5.94
CA TRP B 60 2.26 7.64 5.08
C TRP B 60 3.29 7.56 3.95
N SER B 61 4.08 6.49 3.91
CA SER B 61 5.11 6.33 2.89
C SER B 61 4.48 5.96 1.53
N PHE B 62 4.88 6.68 0.49
CA PHE B 62 4.35 6.51 -0.86
C PHE B 62 5.04 5.34 -1.59
N TYR B 63 4.34 4.79 -2.58
CA TYR B 63 4.83 3.68 -3.37
C TYR B 63 4.18 3.72 -4.75
N ILE B 64 4.85 3.08 -5.72
CA ILE B 64 4.29 2.92 -7.05
C ILE B 64 4.95 1.69 -7.67
N LEU B 65 4.22 0.97 -8.52
CA LEU B 65 4.74 -0.17 -9.27
C LEU B 65 4.75 0.13 -10.77
N ALA B 66 5.95 0.11 -11.35
CA ALA B 66 6.12 0.06 -12.80
C ALA B 66 6.36 -1.41 -13.17
N HIS B 67 5.71 -1.86 -14.24
CA HIS B 67 5.79 -3.26 -14.67
C HIS B 67 5.78 -3.33 -16.19
N THR B 68 6.21 -4.49 -16.74
CA THR B 68 6.41 -4.65 -18.16
C THR B 68 6.37 -6.14 -18.50
N GLU B 69 5.87 -6.46 -19.70
CA GLU B 69 5.82 -7.83 -20.20
C GLU B 69 7.20 -8.20 -20.72
N PHE B 70 7.66 -9.44 -20.42
CA PHE B 70 8.95 -9.89 -20.93
C PHE B 70 9.09 -11.41 -20.89
N THR B 71 9.79 -11.97 -21.88
CA THR B 71 10.27 -13.35 -21.84
C THR B 71 11.74 -13.32 -21.44
N PRO B 72 12.12 -13.79 -20.22
CA PRO B 72 13.53 -13.71 -19.79
C PRO B 72 14.42 -14.62 -20.64
N THR B 73 15.61 -14.13 -20.98
CA THR B 73 16.61 -14.91 -21.74
C THR B 73 17.92 -14.91 -20.96
N GLU B 74 18.71 -15.98 -21.09
CA GLU B 74 19.98 -16.15 -20.41
C GLU B 74 20.94 -15.01 -20.75
N THR B 75 20.73 -14.42 -21.93
CA THR B 75 21.57 -13.39 -22.52
C THR B 75 21.27 -11.99 -21.99
N ASP B 76 19.98 -11.68 -21.76
CA ASP B 76 19.50 -10.29 -21.64
C ASP B 76 19.60 -9.73 -20.22
N THR B 77 19.92 -8.43 -20.15
CA THR B 77 19.96 -7.67 -18.91
C THR B 77 18.77 -6.72 -18.87
N TYR B 78 18.18 -6.52 -17.67
CA TYR B 78 17.09 -5.57 -17.46
C TYR B 78 17.40 -4.70 -16.24
N ALA B 79 16.79 -3.51 -16.19
CA ALA B 79 17.01 -2.58 -15.08
C ALA B 79 15.88 -1.56 -14.99
N CYS B 80 15.94 -0.71 -13.96
CA CYS B 80 14.92 0.27 -13.70
C CYS B 80 15.64 1.53 -13.21
N ARG B 81 15.40 2.66 -13.89
CA ARG B 81 16.07 3.91 -13.61
C ARG B 81 15.07 4.86 -12.97
N VAL B 82 15.43 5.38 -11.79
CA VAL B 82 14.54 6.19 -10.98
C VAL B 82 15.24 7.50 -10.62
N PRO B 90 19.82 10.41 -10.36
CA PRO B 90 19.14 9.26 -10.95
C PRO B 90 19.89 7.96 -10.69
N LYS B 91 19.14 6.90 -10.37
CA LYS B 91 19.69 5.60 -9.97
C LYS B 91 19.21 4.52 -10.93
N THR B 92 20.17 3.79 -11.50
CA THR B 92 19.83 2.57 -12.23
C THR B 92 20.00 1.40 -11.26
N VAL B 93 18.95 0.56 -11.15
CA VAL B 93 18.96 -0.66 -10.34
C VAL B 93 18.70 -1.85 -11.26
N TYR B 94 19.58 -2.86 -11.21
CA TYR B 94 19.50 -3.99 -12.11
C TYR B 94 18.68 -5.12 -11.50
N TRP B 95 18.08 -5.94 -12.38
CA TRP B 95 17.44 -7.20 -12.03
C TRP B 95 18.49 -8.27 -11.84
N ASP B 96 18.62 -8.74 -10.58
CA ASP B 96 19.39 -9.95 -10.31
C ASP B 96 18.41 -11.12 -10.30
N ARG B 97 18.71 -12.17 -11.08
CA ARG B 97 17.87 -13.36 -11.12
C ARG B 97 18.19 -14.24 -9.92
N ASP B 98 17.76 -13.85 -8.71
CA ASP B 98 18.18 -14.57 -7.52
C ASP B 98 16.96 -14.88 -6.63
N ILE C 1 -21.61 6.85 0.23
CA ILE C 1 -20.92 5.56 -0.08
C ILE C 1 -19.53 5.55 0.61
N GLY C 2 -18.59 6.34 0.09
CA GLY C 2 -17.25 6.45 0.67
C GLY C 2 -17.15 7.68 1.58
N PRO C 3 -15.95 8.07 2.09
CA PRO C 3 -15.91 9.11 3.12
C PRO C 3 -15.83 10.53 2.56
N ARG C 4 -16.46 11.46 3.29
CA ARG C 4 -16.47 12.88 2.95
C ARG C 4 -15.68 13.65 4.02
N ALA C 5 -14.60 14.34 3.62
CA ALA C 5 -13.81 15.19 4.51
C ALA C 5 -14.38 16.61 4.47
N LEU C 6 -15.59 16.73 5.02
CA LEU C 6 -16.37 17.95 5.01
C LEU C 6 -15.65 18.98 5.86
N ASP C 7 -15.20 18.58 7.06
CA ASP C 7 -14.60 19.52 8.00
C ASP C 7 -13.17 19.83 7.56
N VAL C 8 -12.88 21.13 7.42
CA VAL C 8 -11.58 21.57 6.91
C VAL C 8 -10.64 21.86 8.08
N LEU C 9 -9.33 21.92 7.79
CA LEU C 9 -8.35 22.11 8.84
C LEU C 9 -8.57 23.48 9.50
#